data_5OU8
#
_entry.id   5OU8
#
_cell.length_a   59.970
_cell.length_b   59.970
_cell.length_c   313.212
_cell.angle_alpha   90.00
_cell.angle_beta   90.00
_cell.angle_gamma   90.00
#
_symmetry.space_group_name_H-M   'P 41 21 2'
#
loop_
_entity.id
_entity.type
_entity.pdbx_description
1 polymer 'Platelet glycoprotein VI'
2 polymer (GPO)5
3 non-polymer 'CHLORIDE ION'
4 non-polymer 2-acetamido-2-deoxy-beta-D-glucopyranose
5 non-polymer 'TETRAETHYLENE GLYCOL'
6 water water
#
loop_
_entity_poly.entity_id
_entity_poly.type
_entity_poly.pdbx_seq_one_letter_code
_entity_poly.pdbx_strand_id
1 'polypeptide(L)'
;GSQSGPLPKPSLQALPSSLVPLEKPVTLRCQGPPGVDLYRLEKLSSSRYQDQAVLFIPAMKRSLAGRYRCSYQNGSLWSL
PSDQLELVATGVFAKPSLSAQPGSGGDVTLQCQTRYGFDQFALYKEGDPERWYRASFPIITVTAAHSGTYRCYSFSSRDP
YLWSAPSDPLELVVTGTSAAA
;
A,B
2 'polypeptide(L)' GP(HYP)GP(HYP)GP(HYP)GP(HYP)GP(HYP) C,D,E
#
# COMPACT_ATOMS: atom_id res chain seq x y z
N SER A 2 28.68 13.46 0.52
CA SER A 2 27.66 13.27 -0.57
C SER A 2 27.39 11.80 -1.00
N GLN A 3 26.12 11.44 -1.19
CA GLN A 3 25.71 10.03 -1.28
C GLN A 3 24.56 9.75 -2.28
N SER A 4 24.66 8.66 -3.04
CA SER A 4 23.77 8.41 -4.18
C SER A 4 22.35 8.01 -3.81
N GLY A 5 22.20 7.29 -2.72
CA GLY A 5 20.88 6.82 -2.29
C GLY A 5 20.88 6.24 -0.88
N PRO A 6 19.78 5.56 -0.51
CA PRO A 6 19.61 5.01 0.84
C PRO A 6 20.51 3.82 1.10
N LEU A 7 20.89 3.61 2.33
CA LEU A 7 21.74 2.47 2.68
C LEU A 7 20.96 1.16 2.51
N PRO A 8 21.55 0.16 1.86
CA PRO A 8 20.79 -1.07 1.63
C PRO A 8 20.36 -1.79 2.92
N LYS A 9 19.19 -2.38 2.90
CA LYS A 9 18.64 -3.02 4.04
C LYS A 9 19.49 -4.21 4.46
N PRO A 10 19.51 -4.50 5.76
CA PRO A 10 20.19 -5.68 6.24
C PRO A 10 19.29 -6.90 6.13
N SER A 11 19.82 -8.09 6.30
CA SER A 11 18.98 -9.25 6.40
C SER A 11 18.65 -9.49 7.87
N LEU A 12 17.60 -10.27 8.10
CA LEU A 12 17.15 -10.63 9.42
C LEU A 12 16.73 -12.08 9.38
N GLN A 13 17.33 -12.87 10.24
CA GLN A 13 17.18 -14.30 10.16
C GLN A 13 17.00 -14.91 11.52
N ALA A 14 16.19 -15.97 11.57
CA ALA A 14 15.94 -16.69 12.81
C ALA A 14 16.50 -18.10 12.69
N LEU A 15 17.49 -18.43 13.50
CA LEU A 15 18.06 -19.75 13.52
C LEU A 15 17.80 -20.46 14.85
N PRO A 16 17.50 -21.75 14.81
CA PRO A 16 17.50 -22.58 13.59
C PRO A 16 16.26 -22.46 12.72
N SER A 17 15.16 -21.98 13.26
CA SER A 17 13.95 -21.74 12.49
C SER A 17 13.16 -20.57 13.05
N SER A 18 12.33 -19.97 12.18
CA SER A 18 11.41 -18.93 12.58
C SER A 18 10.08 -19.52 13.07
N LEU A 19 9.92 -20.83 12.91
CA LEU A 19 8.92 -21.59 13.67
C LEU A 19 9.60 -22.24 14.87
N VAL A 20 9.20 -21.80 16.07
CA VAL A 20 9.95 -22.10 17.29
C VAL A 20 8.96 -22.67 18.30
N PRO A 21 9.15 -23.93 18.69
CA PRO A 21 8.26 -24.48 19.71
C PRO A 21 8.44 -23.78 21.05
N LEU A 22 7.36 -23.61 21.81
CA LEU A 22 7.46 -23.01 23.15
C LEU A 22 8.59 -23.67 23.93
N GLU A 23 9.31 -22.86 24.69
CA GLU A 23 10.45 -23.31 25.50
C GLU A 23 11.72 -23.73 24.72
N LYS A 24 11.75 -23.62 23.40
CA LYS A 24 12.97 -23.95 22.64
C LYS A 24 13.71 -22.69 22.28
N PRO A 25 15.02 -22.79 22.05
CA PRO A 25 15.78 -21.58 21.74
C PRO A 25 15.64 -21.08 20.29
N VAL A 26 15.84 -19.79 20.09
CA VAL A 26 15.91 -19.19 18.75
C VAL A 26 16.78 -17.94 18.86
N THR A 27 17.43 -17.59 17.76
CA THR A 27 18.41 -16.51 17.71
C THR A 27 18.07 -15.68 16.49
N LEU A 28 17.71 -14.43 16.71
CA LEU A 28 17.42 -13.52 15.61
C LEU A 28 18.70 -12.77 15.34
N ARG A 29 19.14 -12.76 14.09
CA ARG A 29 20.39 -12.12 13.72
C ARG A 29 20.17 -11.14 12.59
N CYS A 30 20.59 -9.90 12.83
CA CYS A 30 20.57 -8.86 11.85
C CYS A 30 21.94 -8.74 11.21
N GLN A 31 21.97 -8.62 9.89
CA GLN A 31 23.23 -8.62 9.18
C GLN A 31 23.18 -7.61 8.03
N GLY A 32 24.01 -6.58 8.14
CA GLY A 32 24.16 -5.58 7.11
C GLY A 32 25.54 -5.73 6.52
N PRO A 33 25.99 -4.75 5.74
CA PRO A 33 27.35 -4.84 5.26
C PRO A 33 28.33 -4.71 6.42
N PRO A 34 29.59 -5.09 6.20
CA PRO A 34 30.59 -4.84 7.24
C PRO A 34 30.78 -3.34 7.52
N GLY A 35 31.02 -3.01 8.80
CA GLY A 35 31.33 -1.65 9.24
C GLY A 35 30.16 -0.86 9.79
N VAL A 36 29.08 -1.55 10.13
CA VAL A 36 27.91 -0.93 10.71
C VAL A 36 28.23 -0.30 12.07
N ASP A 37 27.92 0.97 12.25
CA ASP A 37 28.01 1.61 13.56
C ASP A 37 27.04 1.04 14.60
N LEU A 38 25.76 0.97 14.26
CA LEU A 38 24.73 0.55 15.18
C LEU A 38 23.62 -0.22 14.48
N TYR A 39 23.31 -1.37 15.04
CA TYR A 39 22.20 -2.17 14.59
C TYR A 39 21.02 -1.91 15.49
N ARG A 40 19.83 -1.76 14.90
CA ARG A 40 18.62 -1.77 15.69
C ARG A 40 17.65 -2.88 15.31
N LEU A 41 17.30 -3.71 16.29
CA LEU A 41 16.37 -4.81 16.13
C LEU A 41 15.10 -4.50 16.91
N GLU A 42 13.94 -4.62 16.27
CA GLU A 42 12.70 -4.23 16.91
C GLU A 42 11.60 -5.21 16.69
N LYS A 43 10.62 -5.16 17.58
CA LYS A 43 9.43 -5.97 17.47
C LYS A 43 8.29 -5.01 17.17
N LEU A 44 7.62 -5.28 16.06
CA LEU A 44 6.56 -4.40 15.56
C LEU A 44 5.33 -4.48 16.45
N SER A 45 4.58 -3.39 16.50
CA SER A 45 3.40 -3.28 17.38
C SER A 45 3.75 -3.49 18.86
N SER A 46 4.93 -3.06 19.27
CA SER A 46 5.28 -3.00 20.67
C SER A 46 6.32 -1.92 20.78
N SER A 47 6.62 -1.56 22.01
CA SER A 47 7.66 -0.59 22.26
C SER A 47 9.01 -1.28 22.38
N ARG A 48 9.08 -2.58 22.02
CA ARG A 48 10.27 -3.36 22.28
C ARG A 48 11.30 -3.27 21.16
N TYR A 49 12.53 -2.96 21.51
CA TYR A 49 13.62 -2.90 20.56
C TYR A 49 14.91 -2.90 21.33
N GLN A 50 16.01 -3.20 20.64
CA GLN A 50 17.34 -3.12 21.21
C GLN A 50 18.29 -2.55 20.18
N ASP A 51 19.40 -1.99 20.65
CA ASP A 51 20.49 -1.49 19.81
C ASP A 51 21.60 -2.54 19.63
N GLN A 52 21.22 -3.77 19.25
CA GLN A 52 22.17 -4.87 19.06
CA GLN A 52 22.18 -4.85 19.03
C GLN A 52 21.69 -5.72 17.88
N ALA A 53 22.64 -6.30 17.16
CA ALA A 53 22.33 -7.10 15.99
C ALA A 53 21.64 -8.41 16.32
N VAL A 54 21.94 -8.96 17.50
CA VAL A 54 21.55 -10.32 17.85
C VAL A 54 20.62 -10.34 19.04
N LEU A 55 19.51 -11.04 18.91
CA LEU A 55 18.61 -11.34 20.03
C LEU A 55 18.59 -12.84 20.28
N PHE A 56 19.09 -13.30 21.41
CA PHE A 56 19.06 -14.74 21.75
C PHE A 56 17.90 -14.99 22.72
N ILE A 57 16.91 -15.75 22.26
CA ILE A 57 15.78 -16.16 23.09
C ILE A 57 16.05 -17.62 23.50
N PRO A 58 16.48 -17.86 24.75
CA PRO A 58 16.78 -19.23 25.13
C PRO A 58 15.56 -20.11 25.24
N ALA A 59 14.46 -19.55 25.69
CA ALA A 59 13.22 -20.31 25.76
C ALA A 59 12.08 -19.50 25.14
N MET A 60 11.53 -19.98 24.05
CA MET A 60 10.48 -19.25 23.35
C MET A 60 9.23 -19.07 24.21
N LYS A 61 8.63 -17.88 24.13
CA LYS A 61 7.41 -17.56 24.84
C LYS A 61 6.34 -17.00 23.90
N ARG A 62 5.08 -17.21 24.28
CA ARG A 62 3.91 -16.62 23.62
C ARG A 62 4.14 -15.11 23.37
N SER A 63 4.66 -14.41 24.37
CA SER A 63 4.83 -12.96 24.28
C SER A 63 5.91 -12.49 23.28
N LEU A 64 6.80 -13.38 22.85
CA LEU A 64 7.87 -13.02 21.91
C LEU A 64 7.51 -13.36 20.47
N ALA A 65 6.34 -13.96 20.29
CA ALA A 65 5.87 -14.30 18.96
C ALA A 65 5.39 -13.04 18.27
N GLY A 66 5.68 -12.90 16.98
CA GLY A 66 5.20 -11.73 16.25
C GLY A 66 6.14 -11.28 15.18
N ARG A 67 5.94 -10.06 14.72
CA ARG A 67 6.68 -9.51 13.61
C ARG A 67 7.89 -8.75 14.10
N TYR A 68 9.04 -9.06 13.52
CA TYR A 68 10.25 -8.33 13.78
C TYR A 68 10.84 -7.72 12.51
N ARG A 69 11.65 -6.66 12.70
CA ARG A 69 12.50 -6.17 11.61
C ARG A 69 13.75 -5.55 12.19
N CYS A 70 14.75 -5.33 11.36
CA CYS A 70 15.89 -4.55 11.80
C CYS A 70 16.40 -3.57 10.77
N SER A 71 17.20 -2.64 11.26
CA SER A 71 17.93 -1.72 10.42
C SER A 71 19.23 -1.36 11.10
N TYR A 72 20.07 -0.59 10.41
CA TYR A 72 21.34 -0.19 10.97
C TYR A 72 21.54 1.27 10.67
N GLN A 73 22.49 1.86 11.39
CA GLN A 73 22.86 3.26 11.30
C GLN A 73 24.28 3.45 10.80
N ASN A 74 24.44 4.42 9.91
CA ASN A 74 25.76 4.89 9.54
C ASN A 74 25.81 6.38 9.82
N GLY A 75 26.70 6.78 10.72
CA GLY A 75 26.64 8.10 11.34
C GLY A 75 25.31 8.19 12.07
N SER A 76 24.50 9.18 11.71
CA SER A 76 23.13 9.28 12.22
C SER A 76 22.09 8.87 11.15
N LEU A 77 22.57 8.41 9.98
CA LEU A 77 21.67 7.98 8.92
C LEU A 77 21.20 6.52 9.08
N TRP A 78 19.90 6.32 9.03
CA TRP A 78 19.30 4.98 9.12
C TRP A 78 19.19 4.30 7.76
N SER A 79 19.49 3.01 7.69
CA SER A 79 19.24 2.26 6.46
C SER A 79 17.77 1.99 6.22
N LEU A 80 17.48 1.56 4.99
CA LEU A 80 16.25 0.88 4.70
C LEU A 80 16.06 -0.30 5.66
N PRO A 81 14.82 -0.57 6.05
CA PRO A 81 14.62 -1.65 6.99
C PRO A 81 14.65 -2.99 6.33
N SER A 82 14.91 -4.01 7.10
CA SER A 82 14.91 -5.37 6.61
C SER A 82 13.52 -5.88 6.30
N ASP A 83 13.46 -6.97 5.54
CA ASP A 83 12.23 -7.72 5.38
C ASP A 83 11.78 -8.15 6.75
N GLN A 84 10.48 -8.27 6.90
CA GLN A 84 9.89 -8.58 8.16
C GLN A 84 9.99 -10.06 8.44
N LEU A 85 10.55 -10.39 9.61
CA LEU A 85 10.65 -11.74 10.09
C LEU A 85 9.39 -12.07 10.89
N GLU A 86 8.74 -13.18 10.57
CA GLU A 86 7.54 -13.58 11.28
C GLU A 86 7.88 -14.71 12.21
N LEU A 87 7.97 -14.39 13.50
CA LEU A 87 8.37 -15.34 14.54
C LEU A 87 7.18 -16.05 15.15
N VAL A 88 7.10 -17.33 14.86
CA VAL A 88 5.94 -18.09 15.24
C VAL A 88 6.25 -18.96 16.41
N ALA A 89 5.42 -18.83 17.43
CA ALA A 89 5.46 -19.74 18.57
C ALA A 89 4.62 -20.96 18.22
N THR A 90 5.29 -22.10 18.21
CA THR A 90 4.71 -23.40 17.89
C THR A 90 4.45 -24.20 19.18
N GLY A 91 3.54 -25.17 19.13
CA GLY A 91 3.26 -26.05 20.26
C GLY A 91 2.34 -25.45 21.31
N VAL A 92 1.61 -24.41 20.96
CA VAL A 92 0.68 -23.79 21.87
C VAL A 92 -0.61 -24.61 22.02
N PHE A 93 -0.87 -25.52 21.10
CA PHE A 93 -2.11 -26.29 21.09
C PHE A 93 -1.78 -27.73 20.74
N ALA A 94 -2.68 -28.65 21.08
CA ALA A 94 -2.55 -30.05 20.65
C ALA A 94 -2.34 -30.10 19.16
N LYS A 95 -1.52 -31.03 18.67
CA LYS A 95 -1.30 -31.17 17.24
C LYS A 95 -2.57 -31.63 16.52
N PRO A 96 -2.78 -31.14 15.30
CA PRO A 96 -3.85 -31.70 14.52
C PRO A 96 -3.45 -33.06 13.96
N SER A 97 -4.40 -33.71 13.32
CA SER A 97 -4.16 -34.96 12.63
C SER A 97 -4.41 -34.73 11.14
N LEU A 98 -3.36 -34.94 10.34
CA LEU A 98 -3.39 -34.71 8.91
C LEU A 98 -3.83 -35.99 8.20
N SER A 99 -4.81 -35.88 7.31
CA SER A 99 -5.20 -36.98 6.43
C SER A 99 -5.16 -36.50 4.97
N ALA A 100 -5.16 -37.43 4.01
CA ALA A 100 -5.13 -37.02 2.63
C ALA A 100 -5.94 -37.92 1.72
N GLN A 101 -6.79 -37.31 0.89
CA GLN A 101 -7.59 -38.04 -0.10
C GLN A 101 -7.17 -37.66 -1.53
N PRO A 102 -6.41 -38.53 -2.22
CA PRO A 102 -6.08 -38.32 -3.63
C PRO A 102 -7.32 -38.04 -4.51
N GLY A 103 -7.20 -37.07 -5.42
CA GLY A 103 -8.28 -36.74 -6.37
C GLY A 103 -8.18 -37.51 -7.69
N SER A 104 -9.20 -37.37 -8.53
CA SER A 104 -9.28 -38.12 -9.79
C SER A 104 -8.37 -37.60 -10.93
N GLY A 105 -7.85 -36.38 -10.83
CA GLY A 105 -7.02 -35.84 -11.89
C GLY A 105 -5.95 -34.85 -11.47
N GLY A 106 -4.92 -35.35 -10.78
CA GLY A 106 -3.70 -34.56 -10.49
C GLY A 106 -3.71 -33.73 -9.22
N ASP A 107 -4.80 -33.82 -8.47
CA ASP A 107 -5.00 -33.00 -7.28
C ASP A 107 -5.02 -33.89 -6.03
N VAL A 108 -4.60 -33.32 -4.89
CA VAL A 108 -4.74 -34.05 -3.62
C VAL A 108 -5.38 -33.17 -2.57
N THR A 109 -6.42 -33.70 -1.95
CA THR A 109 -7.11 -32.99 -0.90
C THR A 109 -6.59 -33.49 0.45
N LEU A 110 -6.07 -32.58 1.25
CA LEU A 110 -5.56 -32.91 2.58
C LEU A 110 -6.41 -32.27 3.65
N GLN A 111 -6.40 -32.88 4.82
CA GLN A 111 -7.28 -32.44 5.90
C GLN A 111 -6.53 -32.32 7.22
N CYS A 112 -6.59 -31.12 7.80
CA CYS A 112 -5.97 -30.84 9.10
C CYS A 112 -7.05 -30.87 10.18
N GLN A 113 -7.24 -32.03 10.80
CA GLN A 113 -8.32 -32.23 11.75
C GLN A 113 -7.90 -31.83 13.16
N THR A 114 -8.77 -31.08 13.84
CA THR A 114 -8.44 -30.53 15.16
C THR A 114 -9.71 -30.31 15.99
N ARG A 115 -9.66 -30.67 17.27
CA ARG A 115 -10.82 -30.59 18.15
C ARG A 115 -10.93 -29.21 18.83
N TYR A 116 -11.34 -28.21 18.06
CA TYR A 116 -11.46 -26.85 18.58
C TYR A 116 -12.20 -26.10 17.48
N GLY A 117 -12.34 -24.79 17.65
CA GLY A 117 -12.70 -23.90 16.56
C GLY A 117 -11.52 -23.01 16.20
N PHE A 118 -10.54 -23.58 15.51
CA PHE A 118 -9.50 -22.80 14.85
C PHE A 118 -10.05 -22.40 13.50
N ASP A 119 -9.61 -21.28 12.95
CA ASP A 119 -10.03 -20.85 11.61
C ASP A 119 -8.89 -20.72 10.59
N GLN A 120 -7.67 -21.05 11.00
CA GLN A 120 -6.51 -20.95 10.11
C GLN A 120 -5.70 -22.23 10.18
N PHE A 121 -5.22 -22.67 9.02
CA PHE A 121 -4.44 -23.89 8.89
C PHE A 121 -3.31 -23.69 7.92
N ALA A 122 -2.18 -24.33 8.20
CA ALA A 122 -0.98 -24.17 7.38
C ALA A 122 -0.34 -25.52 7.13
N LEU A 123 -0.20 -25.84 5.85
CA LEU A 123 0.32 -27.11 5.40
C LEU A 123 1.65 -26.92 4.69
N TYR A 124 2.66 -27.73 5.01
CA TYR A 124 3.94 -27.66 4.27
C TYR A 124 4.65 -28.99 3.94
N LYS A 125 5.51 -28.96 2.92
CA LYS A 125 6.39 -30.07 2.52
C LYS A 125 7.85 -29.77 2.83
N GLU A 126 8.56 -30.73 3.39
CA GLU A 126 9.97 -30.58 3.81
C GLU A 126 10.96 -30.32 2.69
N GLY A 127 12.09 -29.70 3.05
CA GLY A 127 13.30 -29.68 2.23
C GLY A 127 13.39 -28.56 1.22
N ASP A 128 14.14 -27.50 1.55
CA ASP A 128 14.17 -26.28 0.73
C ASP A 128 14.59 -26.50 -0.75
N PRO A 129 13.81 -25.95 -1.70
CA PRO A 129 12.63 -25.12 -1.40
C PRO A 129 11.47 -25.89 -0.74
N GLU A 130 11.05 -25.46 0.45
CA GLU A 130 9.84 -25.97 1.09
C GLU A 130 8.64 -25.32 0.40
N ARG A 131 7.48 -25.96 0.49
CA ARG A 131 6.27 -25.47 -0.19
C ARG A 131 5.13 -25.33 0.82
N TRP A 132 4.65 -24.11 1.01
CA TRP A 132 3.58 -23.83 1.98
C TRP A 132 2.22 -23.59 1.34
N TYR A 133 1.16 -23.78 2.13
CA TYR A 133 -0.22 -23.62 1.71
C TYR A 133 -1.02 -23.16 2.92
N ARG A 134 -1.78 -22.08 2.77
CA ARG A 134 -2.57 -21.55 3.88
C ARG A 134 -4.02 -21.61 3.49
N ALA A 135 -4.90 -21.82 4.46
CA ALA A 135 -6.32 -21.86 4.17
C ALA A 135 -7.11 -21.43 5.38
N SER A 136 -8.28 -20.86 5.13
CA SER A 136 -9.18 -20.49 6.21
C SER A 136 -10.07 -21.68 6.58
N PHE A 137 -9.87 -22.81 5.91
CA PHE A 137 -10.70 -24.00 6.07
C PHE A 137 -9.79 -25.23 6.25
N PRO A 138 -10.23 -26.20 7.06
CA PRO A 138 -9.38 -27.38 7.34
C PRO A 138 -9.11 -28.32 6.15
N ILE A 139 -9.94 -28.22 5.10
CA ILE A 139 -9.71 -28.96 3.85
C ILE A 139 -8.87 -28.08 2.93
N ILE A 140 -7.85 -28.69 2.34
CA ILE A 140 -6.89 -27.95 1.50
C ILE A 140 -6.59 -28.80 0.27
N THR A 141 -6.90 -28.26 -0.91
CA THR A 141 -6.64 -28.95 -2.18
C THR A 141 -5.31 -28.48 -2.78
N VAL A 142 -4.46 -29.43 -3.16
CA VAL A 142 -3.14 -29.14 -3.73
C VAL A 142 -3.00 -29.76 -5.12
N THR A 143 -2.68 -28.92 -6.11
CA THR A 143 -2.54 -29.39 -7.48
C THR A 143 -1.07 -29.60 -7.80
N ALA A 144 -0.79 -30.60 -8.64
CA ALA A 144 0.57 -30.92 -9.04
C ALA A 144 1.48 -30.95 -7.81
N ALA A 145 1.11 -31.80 -6.86
CA ALA A 145 1.80 -31.91 -5.59
C ALA A 145 3.10 -32.68 -5.77
N HIS A 146 4.20 -32.17 -5.19
CA HIS A 146 5.46 -32.93 -5.12
C HIS A 146 5.34 -34.08 -4.13
N SER A 147 6.00 -35.19 -4.43
CA SER A 147 6.21 -36.23 -3.45
C SER A 147 6.96 -35.61 -2.30
N GLY A 148 6.68 -36.05 -1.09
CA GLY A 148 7.40 -35.53 0.06
C GLY A 148 6.66 -35.71 1.36
N THR A 149 7.22 -35.08 2.39
CA THR A 149 6.77 -35.27 3.74
C THR A 149 5.99 -34.05 4.15
N TYR A 150 4.70 -34.22 4.36
CA TYR A 150 3.81 -33.11 4.69
C TYR A 150 3.41 -33.10 6.16
N ARG A 151 3.29 -31.90 6.71
CA ARG A 151 2.78 -31.70 8.06
CA ARG A 151 2.79 -31.68 8.07
C ARG A 151 1.85 -30.49 8.04
N CYS A 152 1.02 -30.36 9.07
CA CYS A 152 0.13 -29.21 9.17
C CYS A 152 0.09 -28.63 10.57
N TYR A 153 -0.38 -27.39 10.63
CA TYR A 153 -0.50 -26.64 11.84
C TYR A 153 -1.88 -25.98 11.86
N SER A 154 -2.46 -25.83 13.03
CA SER A 154 -3.73 -25.11 13.15
C SER A 154 -3.49 -23.90 14.06
N PHE A 155 -4.30 -22.85 13.88
CA PHE A 155 -4.24 -21.68 14.78
C PHE A 155 -5.41 -20.73 14.53
N SER A 156 -5.54 -19.70 15.36
CA SER A 156 -6.64 -18.73 15.27
C SER A 156 -6.12 -17.41 14.74
N SER A 157 -6.89 -16.77 13.87
CA SER A 157 -6.50 -15.48 13.31
C SER A 157 -6.47 -14.38 14.37
N ARG A 158 -7.05 -14.64 15.55
CA ARG A 158 -6.93 -13.73 16.70
C ARG A 158 -5.49 -13.59 17.22
N ASP A 159 -4.73 -14.69 17.21
CA ASP A 159 -3.30 -14.67 17.55
C ASP A 159 -2.61 -15.54 16.51
N PRO A 160 -2.36 -14.97 15.34
CA PRO A 160 -1.87 -15.77 14.23
C PRO A 160 -0.40 -16.15 14.32
N TYR A 161 0.27 -15.83 15.43
CA TYR A 161 1.64 -16.27 15.65
C TYR A 161 1.70 -17.30 16.77
N LEU A 162 0.53 -17.72 17.25
CA LEU A 162 0.43 -18.80 18.22
C LEU A 162 -0.11 -20.03 17.50
N TRP A 163 0.79 -20.94 17.17
CA TRP A 163 0.46 -22.11 16.36
C TRP A 163 0.46 -23.39 17.19
N SER A 164 -0.33 -24.36 16.73
CA SER A 164 -0.35 -25.71 17.29
C SER A 164 1.01 -26.37 17.16
N ALA A 165 1.17 -27.51 17.83
CA ALA A 165 2.28 -28.38 17.53
C ALA A 165 2.07 -28.89 16.11
N PRO A 166 3.15 -29.26 15.42
CA PRO A 166 3.01 -29.86 14.08
C PRO A 166 2.34 -31.23 14.11
N SER A 167 1.43 -31.48 13.16
CA SER A 167 0.87 -32.81 13.00
C SER A 167 1.97 -33.82 12.71
N ASP A 168 1.70 -35.10 12.99
CA ASP A 168 2.55 -36.19 12.54
C ASP A 168 2.68 -36.15 11.03
N PRO A 169 3.86 -36.54 10.51
CA PRO A 169 4.11 -36.46 9.08
C PRO A 169 3.28 -37.43 8.28
N LEU A 170 3.02 -37.02 7.06
CA LEU A 170 2.28 -37.80 6.11
C LEU A 170 3.19 -37.88 4.91
N GLU A 171 3.31 -39.06 4.31
CA GLU A 171 4.27 -39.27 3.25
C GLU A 171 3.59 -39.45 1.88
N LEU A 172 3.56 -38.37 1.11
CA LEU A 172 2.94 -38.40 -0.21
C LEU A 172 3.91 -38.89 -1.29
N VAL A 173 3.44 -39.81 -2.12
CA VAL A 173 4.24 -40.32 -3.23
C VAL A 173 3.42 -40.28 -4.51
N VAL A 174 3.89 -39.49 -5.48
CA VAL A 174 3.30 -39.43 -6.84
C VAL A 174 4.02 -40.31 -7.86
N THR A 175 3.26 -40.77 -8.84
CA THR A 175 3.76 -41.68 -9.87
C THR A 175 3.05 -41.43 -11.19
N LEU B 7 -11.41 9.71 14.15
CA LEU B 7 -10.58 10.96 13.96
C LEU B 7 -10.75 11.54 12.54
N PRO B 8 -11.36 12.73 12.44
CA PRO B 8 -11.95 13.21 11.19
C PRO B 8 -10.96 13.54 10.08
N LYS B 9 -11.36 13.30 8.84
CA LYS B 9 -10.46 13.44 7.72
C LYS B 9 -10.16 14.91 7.44
N PRO B 10 -8.98 15.19 6.89
CA PRO B 10 -8.68 16.55 6.45
C PRO B 10 -9.18 16.83 5.04
N SER B 11 -9.02 18.07 4.58
CA SER B 11 -9.29 18.39 3.18
C SER B 11 -7.95 18.53 2.52
N LEU B 12 -7.93 18.28 1.22
CA LEU B 12 -6.74 18.40 0.43
C LEU B 12 -7.13 19.19 -0.78
N GLN B 13 -6.50 20.35 -0.97
CA GLN B 13 -6.86 21.22 -2.09
C GLN B 13 -5.70 21.42 -3.03
N ALA B 14 -6.03 21.65 -4.31
CA ALA B 14 -5.04 22.10 -5.24
C ALA B 14 -5.41 23.53 -5.54
N LEU B 15 -4.41 24.40 -5.47
CA LEU B 15 -4.61 25.86 -5.62
C LEU B 15 -3.58 26.42 -6.59
N PRO B 16 -4.04 27.13 -7.62
CA PRO B 16 -5.40 27.64 -7.72
C PRO B 16 -6.41 26.64 -8.27
N SER B 17 -5.95 25.50 -8.75
CA SER B 17 -6.84 24.58 -9.40
C SER B 17 -6.22 23.20 -9.51
N SER B 18 -7.06 22.19 -9.61
CA SER B 18 -6.55 20.84 -9.79
C SER B 18 -6.31 20.51 -11.25
N LEU B 19 -6.72 21.40 -12.16
CA LEU B 19 -6.29 21.32 -13.57
C LEU B 19 -5.22 22.32 -13.80
N VAL B 20 -4.05 21.87 -14.21
CA VAL B 20 -2.85 22.65 -14.12
C VAL B 20 -2.09 22.59 -15.45
N PRO B 21 -2.08 23.70 -16.20
CA PRO B 21 -1.31 23.65 -17.43
C PRO B 21 0.14 23.30 -17.17
N LEU B 22 0.76 22.57 -18.08
CA LEU B 22 2.17 22.25 -17.98
C LEU B 22 2.97 23.53 -17.76
N GLU B 23 3.93 23.45 -16.85
CA GLU B 23 4.82 24.59 -16.53
C GLU B 23 4.18 25.69 -15.66
N LYS B 24 2.91 25.53 -15.31
CA LYS B 24 2.24 26.46 -14.43
C LYS B 24 2.23 25.94 -12.99
N PRO B 25 2.13 26.85 -12.01
CA PRO B 25 2.24 26.39 -10.62
C PRO B 25 0.96 25.83 -10.03
N VAL B 26 1.12 24.99 -9.01
CA VAL B 26 0.00 24.55 -8.19
C VAL B 26 0.54 24.19 -6.83
N THR B 27 -0.31 24.34 -5.83
CA THR B 27 0.06 24.04 -4.48
C THR B 27 -0.98 23.09 -3.89
N LEU B 28 -0.52 21.97 -3.36
CA LEU B 28 -1.40 21.02 -2.68
C LEU B 28 -1.34 21.31 -1.21
N ARG B 29 -2.51 21.43 -0.59
CA ARG B 29 -2.57 21.80 0.81
C ARG B 29 -3.52 20.87 1.56
N CYS B 30 -2.97 20.20 2.58
CA CYS B 30 -3.74 19.36 3.47
C CYS B 30 -4.14 20.17 4.68
N GLN B 31 -5.39 20.07 5.10
CA GLN B 31 -5.92 20.91 6.18
C GLN B 31 -6.87 20.15 7.12
N GLY B 32 -6.39 19.88 8.33
CA GLY B 32 -7.19 19.25 9.36
C GLY B 32 -7.42 20.25 10.48
N PRO B 33 -7.75 19.74 11.66
CA PRO B 33 -7.82 20.59 12.83
C PRO B 33 -6.49 21.25 13.17
N PRO B 34 -6.53 22.34 13.93
CA PRO B 34 -5.32 23.04 14.32
C PRO B 34 -4.67 22.36 15.50
N GLY B 35 -3.36 22.55 15.67
CA GLY B 35 -2.62 21.96 16.77
C GLY B 35 -2.07 20.55 16.55
N VAL B 36 -2.45 19.89 15.46
CA VAL B 36 -2.09 18.47 15.25
C VAL B 36 -0.56 18.26 15.11
N ASP B 37 -0.10 17.04 15.41
CA ASP B 37 1.34 16.74 15.44
C ASP B 37 2.01 16.73 14.08
N LEU B 38 1.40 16.06 13.13
CA LEU B 38 2.06 15.80 11.85
C LEU B 38 1.06 15.61 10.74
N TYR B 39 1.48 15.99 9.53
CA TYR B 39 0.71 15.76 8.31
C TYR B 39 1.46 14.85 7.36
N ARG B 40 0.71 14.05 6.62
CA ARG B 40 1.25 13.10 5.65
C ARG B 40 0.53 13.27 4.30
N LEU B 41 1.26 13.70 3.30
CA LEU B 41 0.75 13.85 1.96
C LEU B 41 1.38 12.77 1.04
N GLU B 42 0.56 12.03 0.30
CA GLU B 42 1.07 10.96 -0.55
C GLU B 42 0.57 11.12 -2.00
N LYS B 43 1.42 10.74 -2.95
CA LYS B 43 0.98 10.46 -4.30
C LYS B 43 0.85 8.94 -4.43
N LEU B 44 -0.24 8.50 -5.04
CA LEU B 44 -0.63 7.09 -4.98
C LEU B 44 0.14 6.20 -5.95
N SER B 45 0.19 6.60 -7.22
CA SER B 45 0.82 5.77 -8.26
C SER B 45 2.25 5.46 -7.89
N SER B 46 3.05 6.51 -7.68
CA SER B 46 4.46 6.35 -7.34
C SER B 46 4.69 5.99 -5.86
N SER B 47 3.64 6.05 -5.05
CA SER B 47 3.77 5.83 -3.61
C SER B 47 5.01 6.50 -3.01
N ARG B 48 5.21 7.78 -3.33
CA ARG B 48 6.14 8.65 -2.62
C ARG B 48 5.30 9.70 -1.84
N TYR B 49 5.87 10.23 -0.75
CA TYR B 49 5.09 10.97 0.23
C TYR B 49 5.96 11.91 1.05
N GLN B 50 5.32 12.78 1.82
CA GLN B 50 6.06 13.73 2.66
C GLN B 50 5.37 13.92 4.02
N ASP B 51 6.17 14.22 5.03
CA ASP B 51 5.61 14.53 6.34
C ASP B 51 5.32 16.03 6.49
N GLN B 52 4.73 16.63 5.46
CA GLN B 52 4.33 18.02 5.55
C GLN B 52 3.04 18.26 4.81
N ALA B 53 2.32 19.28 5.28
CA ALA B 53 0.97 19.53 4.83
C ALA B 53 0.91 20.14 3.44
N VAL B 54 1.97 20.82 3.02
CA VAL B 54 1.95 21.61 1.79
C VAL B 54 2.99 21.15 0.80
N LEU B 55 2.59 21.02 -0.45
CA LEU B 55 3.53 20.74 -1.52
C LEU B 55 3.40 21.83 -2.57
N PHE B 56 4.48 22.54 -2.86
CA PHE B 56 4.45 23.55 -3.92
C PHE B 56 5.07 22.97 -5.21
N ILE B 57 4.32 23.00 -6.31
CA ILE B 57 4.85 22.58 -7.60
C ILE B 57 5.06 23.85 -8.39
N PRO B 58 6.32 24.29 -8.56
CA PRO B 58 6.51 25.55 -9.28
C PRO B 58 6.08 25.49 -10.74
N ALA B 59 6.21 24.30 -11.34
CA ALA B 59 6.00 24.12 -12.78
C ALA B 59 5.44 22.73 -13.04
N MET B 60 4.22 22.63 -13.51
CA MET B 60 3.58 21.34 -13.58
C MET B 60 4.25 20.46 -14.65
N LYS B 61 4.35 19.18 -14.34
CA LYS B 61 4.99 18.18 -15.20
C LYS B 61 4.05 17.00 -15.36
N ARG B 62 4.14 16.33 -16.50
CA ARG B 62 3.46 15.05 -16.73
C ARG B 62 3.60 14.10 -15.52
N SER B 63 4.80 14.01 -14.96
CA SER B 63 5.08 13.08 -13.87
C SER B 63 4.40 13.37 -12.55
N LEU B 64 3.95 14.60 -12.34
CA LEU B 64 3.30 14.99 -11.07
C LEU B 64 1.79 14.78 -11.14
N ALA B 65 1.25 14.62 -12.34
CA ALA B 65 -0.16 14.40 -12.47
C ALA B 65 -0.52 13.01 -11.91
N GLY B 66 -1.71 12.91 -11.35
CA GLY B 66 -2.16 11.68 -10.72
C GLY B 66 -2.99 11.95 -9.48
N ARG B 67 -3.24 10.87 -8.77
CA ARG B 67 -4.06 10.87 -7.57
C ARG B 67 -3.19 11.11 -6.32
N TYR B 68 -3.71 11.91 -5.38
CA TYR B 68 -3.05 12.23 -4.14
C TYR B 68 -4.07 12.12 -3.03
N ARG B 69 -3.61 11.90 -1.82
CA ARG B 69 -4.48 12.03 -0.66
C ARG B 69 -3.61 12.39 0.52
N CYS B 70 -4.21 12.81 1.63
CA CYS B 70 -3.44 13.09 2.83
C CYS B 70 -4.18 12.70 4.08
N SER B 71 -3.48 12.76 5.21
CA SER B 71 -4.05 12.54 6.52
C SER B 71 -3.10 13.12 7.55
N TYR B 72 -3.54 13.17 8.81
CA TYR B 72 -2.72 13.74 9.87
C TYR B 72 -2.69 12.77 11.04
N GLN B 73 -1.74 13.00 11.93
CA GLN B 73 -1.52 12.13 13.07
C GLN B 73 -1.47 13.00 14.31
N ASN B 74 -2.32 12.73 15.28
CA ASN B 74 -2.28 13.45 16.55
C ASN B 74 -2.17 12.46 17.69
N GLY B 75 -1.31 12.76 18.66
CA GLY B 75 -0.79 11.76 19.56
C GLY B 75 -0.09 10.75 18.66
N SER B 76 -0.42 9.49 18.84
CA SER B 76 0.09 8.46 17.95
C SER B 76 -0.98 7.95 16.97
N LEU B 77 -2.05 8.72 16.80
CA LEU B 77 -3.26 8.24 16.16
C LEU B 77 -3.48 8.87 14.78
N TRP B 78 -3.78 8.04 13.78
CA TRP B 78 -4.02 8.53 12.42
C TRP B 78 -5.46 8.89 12.13
N SER B 79 -5.63 9.99 11.39
CA SER B 79 -6.92 10.43 10.92
C SER B 79 -7.39 9.55 9.80
N LEU B 80 -8.67 9.57 9.52
CA LEU B 80 -9.16 9.08 8.25
C LEU B 80 -8.52 9.90 7.12
N PRO B 81 -8.28 9.27 5.97
CA PRO B 81 -7.61 9.93 4.87
C PRO B 81 -8.54 10.88 4.15
N SER B 82 -8.00 12.00 3.69
CA SER B 82 -8.74 12.96 2.88
C SER B 82 -9.43 12.31 1.69
N ASP B 83 -10.36 13.01 1.08
CA ASP B 83 -10.89 12.59 -0.20
C ASP B 83 -9.73 12.64 -1.18
N GLN B 84 -9.84 11.90 -2.28
CA GLN B 84 -8.73 11.81 -3.20
C GLN B 84 -8.74 12.98 -4.14
N LEU B 85 -7.55 13.53 -4.35
CA LEU B 85 -7.37 14.70 -5.18
C LEU B 85 -6.84 14.21 -6.53
N GLU B 86 -7.56 14.58 -7.59
CA GLU B 86 -7.20 14.18 -8.94
C GLU B 86 -6.40 15.30 -9.59
N LEU B 87 -5.09 15.22 -9.60
CA LEU B 87 -4.32 16.33 -10.13
C LEU B 87 -3.98 16.10 -11.58
N VAL B 88 -4.52 16.97 -12.43
CA VAL B 88 -4.47 16.82 -13.87
C VAL B 88 -3.59 17.88 -14.50
N ALA B 89 -2.75 17.45 -15.42
CA ALA B 89 -1.94 18.35 -16.21
C ALA B 89 -2.64 18.62 -17.52
N THR B 90 -2.79 19.87 -17.88
CA THR B 90 -3.40 20.24 -19.15
C THR B 90 -2.35 20.81 -20.08
N GLY B 91 -2.74 20.99 -21.33
CA GLY B 91 -1.82 21.40 -22.38
C GLY B 91 -0.76 20.39 -22.80
N VAL B 92 -0.98 19.10 -22.56
CA VAL B 92 -0.08 18.02 -23.00
C VAL B 92 -0.26 17.73 -24.49
N PHE B 93 -1.37 18.18 -25.06
CA PHE B 93 -1.65 18.02 -26.50
C PHE B 93 -2.31 19.26 -27.07
N ALA B 94 -2.25 19.36 -28.39
CA ALA B 94 -2.93 20.41 -29.10
C ALA B 94 -4.37 20.46 -28.65
N LYS B 95 -4.91 21.64 -28.58
CA LYS B 95 -6.28 21.80 -28.15
C LYS B 95 -7.18 21.26 -29.23
N PRO B 96 -8.37 20.76 -28.84
CA PRO B 96 -9.39 20.40 -29.77
C PRO B 96 -10.23 21.61 -30.12
N SER B 97 -11.22 21.36 -30.96
CA SER B 97 -12.04 22.40 -31.51
C SER B 97 -13.48 22.03 -31.22
N LEU B 98 -14.22 23.00 -30.70
CA LEU B 98 -15.54 22.76 -30.17
C LEU B 98 -16.62 23.37 -31.05
N SER B 99 -17.66 22.59 -31.32
CA SER B 99 -18.84 23.09 -32.03
C SER B 99 -20.14 22.68 -31.31
N ALA B 100 -21.25 23.29 -31.72
CA ALA B 100 -22.54 23.00 -31.12
C ALA B 100 -23.64 22.99 -32.17
N GLN B 101 -24.62 22.10 -32.00
CA GLN B 101 -25.80 22.00 -32.85
C GLN B 101 -27.02 21.80 -31.97
N PRO B 102 -28.22 21.99 -32.53
CA PRO B 102 -29.42 21.60 -31.82
C PRO B 102 -29.48 20.10 -31.48
N GLY B 103 -30.28 19.81 -30.46
CA GLY B 103 -30.73 18.45 -30.15
C GLY B 103 -32.22 18.55 -29.89
N SER B 104 -32.81 17.49 -29.35
CA SER B 104 -34.27 17.44 -29.12
C SER B 104 -34.70 18.31 -27.94
N GLY B 105 -35.81 19.02 -28.10
CA GLY B 105 -36.33 19.89 -27.05
C GLY B 105 -35.27 20.88 -26.63
N GLY B 106 -35.07 21.06 -25.32
CA GLY B 106 -34.02 21.94 -24.82
C GLY B 106 -32.60 21.38 -24.87
N ASP B 107 -32.36 20.37 -25.71
CA ASP B 107 -31.05 19.70 -25.74
C ASP B 107 -30.09 20.26 -26.79
N VAL B 108 -28.85 20.46 -26.37
CA VAL B 108 -27.79 20.97 -27.21
C VAL B 108 -26.69 19.91 -27.36
N THR B 109 -26.22 19.72 -28.57
CA THR B 109 -25.25 18.69 -28.87
C THR B 109 -23.93 19.37 -29.17
N LEU B 110 -22.89 19.04 -28.42
CA LEU B 110 -21.58 19.63 -28.65
C LEU B 110 -20.67 18.59 -29.30
N GLN B 111 -19.73 19.05 -30.13
CA GLN B 111 -18.73 18.17 -30.74
C GLN B 111 -17.36 18.66 -30.39
N CYS B 112 -16.58 17.79 -29.79
CA CYS B 112 -15.22 18.13 -29.40
C CYS B 112 -14.31 17.36 -30.35
N GLN B 113 -13.79 18.07 -31.35
CA GLN B 113 -13.11 17.44 -32.47
C GLN B 113 -11.60 17.46 -32.32
N THR B 114 -10.97 16.36 -32.71
CA THR B 114 -9.55 16.16 -32.44
C THR B 114 -8.88 15.15 -33.39
N ARG B 115 -7.61 15.38 -33.67
CA ARG B 115 -6.84 14.55 -34.63
C ARG B 115 -6.50 13.18 -34.06
N TYR B 116 -5.64 13.18 -33.04
CA TYR B 116 -5.21 11.98 -32.32
C TYR B 116 -6.43 11.11 -32.01
N GLY B 117 -6.22 9.81 -31.89
CA GLY B 117 -7.21 8.91 -31.33
C GLY B 117 -7.24 9.17 -29.84
N PHE B 118 -8.22 9.96 -29.40
CA PHE B 118 -8.51 10.13 -27.99
C PHE B 118 -9.84 9.46 -27.77
N ASP B 119 -9.98 8.80 -26.63
CA ASP B 119 -11.20 8.09 -26.30
C ASP B 119 -11.93 8.69 -25.08
N GLN B 120 -11.48 9.82 -24.55
CA GLN B 120 -12.18 10.51 -23.45
C GLN B 120 -12.27 12.02 -23.73
N PHE B 121 -13.38 12.62 -23.30
CA PHE B 121 -13.60 14.04 -23.48
C PHE B 121 -14.29 14.65 -22.29
N ALA B 122 -13.90 15.87 -21.94
CA ALA B 122 -14.50 16.61 -20.84
C ALA B 122 -14.83 18.02 -21.28
N LEU B 123 -16.09 18.41 -21.06
CA LEU B 123 -16.63 19.69 -21.46
C LEU B 123 -17.10 20.42 -20.23
N TYR B 124 -16.88 21.74 -20.14
CA TYR B 124 -17.48 22.52 -19.04
C TYR B 124 -17.97 23.92 -19.41
N LYS B 125 -18.92 24.40 -18.62
CA LYS B 125 -19.42 25.77 -18.70
C LYS B 125 -18.77 26.59 -17.60
N GLU B 126 -18.10 27.70 -17.93
CA GLU B 126 -17.57 28.62 -16.91
C GLU B 126 -18.71 29.08 -16.04
N GLY B 127 -18.45 29.29 -14.76
CA GLY B 127 -19.47 29.86 -13.87
C GLY B 127 -19.32 29.30 -12.46
N ASP B 128 -20.25 29.68 -11.59
CA ASP B 128 -20.18 29.30 -10.16
C ASP B 128 -21.49 28.64 -9.68
N PRO B 129 -21.53 27.31 -9.56
CA PRO B 129 -20.41 26.40 -9.88
C PRO B 129 -20.28 26.09 -11.38
N GLU B 130 -19.19 25.43 -11.74
CA GLU B 130 -18.96 24.99 -13.11
C GLU B 130 -19.81 23.74 -13.37
N ARG B 131 -20.35 23.63 -14.60
CA ARG B 131 -21.06 22.42 -15.06
C ARG B 131 -20.11 21.53 -15.85
N TRP B 132 -19.95 20.27 -15.46
CA TRP B 132 -19.05 19.34 -16.16
C TRP B 132 -19.75 18.16 -16.81
N TYR B 133 -19.28 17.77 -18.00
CA TYR B 133 -19.89 16.70 -18.78
C TYR B 133 -18.81 15.81 -19.36
N ARG B 134 -19.06 14.50 -19.44
CA ARG B 134 -18.07 13.57 -19.96
C ARG B 134 -18.63 12.56 -20.94
N ALA B 135 -17.74 12.02 -21.77
CA ALA B 135 -18.09 11.02 -22.77
C ALA B 135 -16.82 10.42 -23.35
N SER B 136 -16.94 9.22 -23.91
CA SER B 136 -15.89 8.52 -24.63
C SER B 136 -15.96 8.88 -26.12
N PHE B 137 -17.15 9.16 -26.60
CA PHE B 137 -17.31 9.65 -27.96
C PHE B 137 -17.22 11.16 -27.92
N PRO B 138 -16.69 11.79 -28.99
CA PRO B 138 -16.48 13.24 -29.00
C PRO B 138 -17.79 14.02 -29.19
N ILE B 139 -18.85 13.56 -28.55
CA ILE B 139 -20.18 14.11 -28.72
C ILE B 139 -20.84 14.13 -27.36
N ILE B 140 -21.33 15.29 -26.97
CA ILE B 140 -21.78 15.53 -25.62
C ILE B 140 -23.11 16.28 -25.66
N THR B 141 -24.14 15.66 -25.12
CA THR B 141 -25.44 16.30 -24.99
C THR B 141 -25.48 17.06 -23.67
N VAL B 142 -26.02 18.27 -23.72
CA VAL B 142 -26.31 19.05 -22.54
C VAL B 142 -27.82 19.17 -22.47
N THR B 143 -28.44 18.58 -21.46
CA THR B 143 -29.87 18.64 -21.33
C THR B 143 -30.24 19.98 -20.78
N ALA B 144 -31.28 20.58 -21.33
CA ALA B 144 -31.76 21.86 -20.84
C ALA B 144 -30.58 22.85 -20.72
N ALA B 145 -29.87 23.06 -21.82
CA ALA B 145 -28.61 23.80 -21.79
C ALA B 145 -28.80 25.29 -21.54
N HIS B 146 -27.88 25.85 -20.77
CA HIS B 146 -27.86 27.27 -20.50
C HIS B 146 -26.79 27.98 -21.36
N SER B 147 -27.12 29.15 -21.87
CA SER B 147 -26.15 30.03 -22.49
C SER B 147 -24.95 30.21 -21.55
N GLY B 148 -23.76 30.39 -22.13
CA GLY B 148 -22.55 30.41 -21.31
C GLY B 148 -21.30 30.19 -22.14
N THR B 149 -20.18 30.06 -21.46
CA THR B 149 -18.90 29.95 -22.13
C THR B 149 -18.40 28.54 -21.95
N TYR B 150 -18.35 27.78 -23.05
CA TYR B 150 -17.98 26.37 -22.99
C TYR B 150 -16.60 26.09 -23.54
N ARG B 151 -15.90 25.12 -22.92
CA ARG B 151 -14.65 24.57 -23.46
C ARG B 151 -14.58 23.08 -23.26
N CYS B 152 -13.79 22.40 -24.09
CA CYS B 152 -13.55 20.97 -23.89
C CYS B 152 -12.09 20.57 -23.94
N TYR B 153 -11.86 19.39 -23.35
CA TYR B 153 -10.56 18.77 -23.24
C TYR B 153 -10.69 17.33 -23.72
N SER B 154 -9.63 16.84 -24.35
CA SER B 154 -9.60 15.47 -24.84
C SER B 154 -8.41 14.79 -24.20
N PHE B 155 -8.59 13.54 -23.82
CA PHE B 155 -7.48 12.76 -23.29
C PHE B 155 -7.68 11.27 -23.53
N SER B 156 -6.71 10.46 -23.10
CA SER B 156 -6.77 8.99 -23.28
C SER B 156 -7.02 8.31 -21.95
N SER B 157 -7.82 7.24 -21.96
CA SER B 157 -8.04 6.48 -20.73
C SER B 157 -6.78 5.71 -20.39
N ARG B 158 -5.85 5.59 -21.35
CA ARG B 158 -4.51 5.06 -21.08
C ARG B 158 -3.73 5.95 -20.13
N ASP B 159 -3.91 7.27 -20.21
CA ASP B 159 -3.42 8.15 -19.14
C ASP B 159 -4.42 9.25 -18.84
N PRO B 160 -5.39 8.95 -17.96
CA PRO B 160 -6.52 9.86 -17.72
C PRO B 160 -6.16 11.15 -16.99
N TYR B 161 -4.90 11.35 -16.64
CA TYR B 161 -4.47 12.55 -15.96
C TYR B 161 -3.67 13.53 -16.83
N LEU B 162 -3.43 13.17 -18.09
CA LEU B 162 -2.78 14.06 -19.07
C LEU B 162 -3.82 14.52 -20.08
N TRP B 163 -4.22 15.78 -19.95
CA TRP B 163 -5.23 16.36 -20.82
C TRP B 163 -4.65 17.33 -21.86
N SER B 164 -5.37 17.47 -22.96
CA SER B 164 -5.07 18.48 -23.94
C SER B 164 -5.20 19.88 -23.35
N ALA B 165 -4.66 20.85 -24.05
CA ALA B 165 -5.00 22.24 -23.79
C ALA B 165 -6.50 22.35 -23.98
N PRO B 166 -7.13 23.34 -23.36
CA PRO B 166 -8.56 23.49 -23.55
C PRO B 166 -8.86 24.06 -24.93
N SER B 167 -10.01 23.71 -25.48
CA SER B 167 -10.42 24.32 -26.71
C SER B 167 -10.60 25.82 -26.49
N ASP B 168 -10.50 26.57 -27.58
CA ASP B 168 -10.97 27.94 -27.60
C ASP B 168 -12.44 27.95 -27.13
N PRO B 169 -12.80 28.97 -26.36
CA PRO B 169 -14.11 28.99 -25.76
C PRO B 169 -15.18 29.08 -26.81
N LEU B 170 -16.26 28.35 -26.62
CA LEU B 170 -17.42 28.49 -27.45
C LEU B 170 -18.45 29.31 -26.66
N GLU B 171 -18.89 30.42 -27.25
CA GLU B 171 -19.79 31.31 -26.57
C GLU B 171 -21.21 31.00 -27.01
N LEU B 172 -21.90 30.22 -26.19
CA LEU B 172 -23.16 29.63 -26.58
C LEU B 172 -24.30 30.47 -26.11
N VAL B 173 -25.27 30.64 -26.99
CA VAL B 173 -26.53 31.25 -26.62
C VAL B 173 -27.65 30.34 -27.07
N VAL B 174 -28.49 29.96 -26.11
CA VAL B 174 -29.54 28.98 -26.32
C VAL B 174 -30.90 29.65 -26.32
N THR B 175 -31.75 29.21 -27.25
CA THR B 175 -33.19 29.51 -27.22
C THR B 175 -34.01 28.24 -27.18
N GLY C 1 24.70 10.30 26.91
CA GLY C 1 23.57 11.27 27.05
C GLY C 1 22.19 10.61 27.12
N PRO C 2 21.11 11.41 26.95
CA PRO C 2 19.76 10.86 26.92
C PRO C 2 19.30 10.41 25.50
N GLY C 4 17.48 9.84 21.97
CA GLY C 4 16.93 10.81 21.03
C GLY C 4 15.42 10.76 20.89
N PRO C 5 14.87 11.61 20.01
CA PRO C 5 13.43 11.60 19.76
C PRO C 5 13.00 10.41 18.91
N GLY C 7 11.72 8.28 15.78
CA GLY C 7 11.88 8.42 14.34
C GLY C 7 10.57 8.89 13.71
N PRO C 8 10.61 9.25 12.41
CA PRO C 8 9.41 9.71 11.75
C PRO C 8 8.44 8.59 11.51
N GLY C 10 6.16 5.76 9.71
CA GLY C 10 6.48 4.85 8.65
C GLY C 10 5.71 5.14 7.38
N PRO C 11 6.06 4.46 6.29
CA PRO C 11 5.36 4.68 5.05
C PRO C 11 3.89 4.38 5.16
N GLY C 13 0.55 2.37 4.36
CA GLY C 13 0.31 0.96 4.12
C GLY C 13 0.01 0.66 2.66
N PRO C 14 -0.03 -0.64 2.31
CA PRO C 14 -0.29 -1.05 0.94
C PRO C 14 -1.80 -1.09 0.65
N GLY D 1 23.98 10.99 22.99
CA GLY D 1 23.19 9.85 23.57
C GLY D 1 22.78 8.83 22.54
N PRO D 2 22.10 7.75 22.97
CA PRO D 2 21.69 6.67 22.07
C PRO D 2 20.48 7.06 21.21
N GLY D 4 16.94 7.51 19.28
CA GLY D 4 15.59 7.45 19.83
C GLY D 4 14.85 6.20 19.37
N PRO D 5 13.62 6.01 19.84
CA PRO D 5 12.87 4.81 19.41
C PRO D 5 12.50 4.83 17.93
N GLY D 7 10.17 5.18 14.82
CA GLY D 7 9.00 5.97 14.61
C GLY D 7 7.75 5.11 14.70
N PRO D 8 6.60 5.75 14.74
CA PRO D 8 5.35 4.96 14.74
C PRO D 8 5.02 4.44 13.36
N GLY D 10 3.21 4.11 9.79
CA GLY D 10 2.52 4.94 8.82
C GLY D 10 1.01 4.75 8.88
N PRO D 11 0.26 5.54 8.09
CA PRO D 11 -1.18 5.44 8.14
C PRO D 11 -1.65 4.25 7.35
N GLY D 13 -3.21 2.04 4.49
CA GLY D 13 -3.16 2.21 3.05
C GLY D 13 -4.49 2.62 2.45
N PRO D 14 -4.49 2.92 1.15
CA PRO D 14 -5.72 3.26 0.44
C PRO D 14 -6.52 2.05 -0.01
N GLY E 1 20.80 12.59 21.83
CA GLY E 1 20.93 11.45 20.87
C GLY E 1 20.16 11.67 19.57
N PRO E 2 20.59 11.02 18.48
CA PRO E 2 19.91 11.22 17.21
C PRO E 2 18.55 10.55 17.12
N GLY E 4 15.38 8.18 16.15
CA GLY E 4 15.23 6.78 15.79
C GLY E 4 14.94 6.61 14.32
N PRO E 5 14.81 5.37 13.88
CA PRO E 5 14.55 5.10 12.48
C PRO E 5 13.12 5.37 12.09
N GLY E 7 9.44 4.59 11.19
CA GLY E 7 8.58 3.47 11.56
C GLY E 7 8.28 2.51 10.41
N PRO E 8 7.51 1.46 10.71
CA PRO E 8 7.14 0.50 9.67
C PRO E 8 5.92 0.92 8.83
N GLY E 10 2.23 1.23 7.56
CA GLY E 10 0.92 1.14 8.15
C GLY E 10 0.24 -0.14 7.67
N PRO E 11 -0.88 -0.48 8.29
CA PRO E 11 -1.65 -1.65 7.87
C PRO E 11 -2.24 -1.55 6.46
N GLY E 13 -5.07 -1.22 3.48
CA GLY E 13 -6.28 -0.41 3.33
C GLY E 13 -7.51 -1.28 3.11
N PRO E 14 -8.71 -0.71 3.28
CA PRO E 14 -9.93 -1.40 2.87
C PRO E 14 -9.84 -1.99 1.45
#